data_5J8Q
#
_entry.id   5J8Q
#
_cell.length_a   93.191
_cell.length_b   93.191
_cell.length_c   130.543
_cell.angle_alpha   90.00
_cell.angle_beta   90.00
_cell.angle_gamma   120.00
#
_symmetry.space_group_name_H-M   'P 31 2 1'
#
loop_
_entity.id
_entity.type
_entity.pdbx_description
1 polymer 'Cysteine desulfurase SufS'
2 non-polymer "PYRIDOXAL-5'-PHOSPHATE"
3 non-polymer ALANINE
4 water water
#
_entity_poly.entity_id   1
_entity_poly.type   'polypeptide(L)'
_entity_poly.pdbx_seq_one_letter_code
;MNITDIREQFPILHQQVNGHDLVYLDSAATSQKPRAVIETLDKYYNQYNSNVHRGVHTLGTRATDGYEGAREKVRKFINA
KSMAEIIFTKGTTTSLNMVALSYARANLKPGDEVVITYMEHHANIIPWQQAVKATGATLKYIPLQEDGTISLEDVRETVT
SNTKIVAVSHVSNVLGTVNPIKEMAKIAHDNGAVIVVDGAQSTPHMKIDVQDLDCDFFALSSHKMCGPTGVGVLYGKKAL
LENMEPAEFGGEMIDFVGLYESTWKELPWKFEAGTPIIAGAIGLGAAIDFLEEIGLDEISRHEHKLAAYALERFRQLDGV
TVYGPEERAGLVTFNLDDVHPHDVATVLDAEGIAVRAGHH(CSS)AQPLMKWLDVTATARASFYLYNTEEEIDKLVEALQ
KTKEYFTNVFSGHHHHHH
;
_entity_poly.pdbx_strand_id   A
#
# COMPACT_ATOMS: atom_id res chain seq x y z
N MET A 1 -12.48 7.69 -19.50
CA MET A 1 -11.01 7.91 -19.31
C MET A 1 -10.53 9.31 -19.71
N ASN A 2 -11.36 10.15 -20.34
CA ASN A 2 -10.90 11.50 -20.60
C ASN A 2 -10.20 12.06 -19.32
N ILE A 3 -8.90 12.33 -19.41
CA ILE A 3 -8.09 12.70 -18.23
C ILE A 3 -8.48 14.06 -17.68
N THR A 4 -8.91 14.99 -18.54
CA THR A 4 -9.42 16.27 -18.04
C THR A 4 -10.64 16.07 -17.18
N ASP A 5 -11.55 15.19 -17.61
CA ASP A 5 -12.77 14.94 -16.83
C ASP A 5 -12.45 14.22 -15.54
N ILE A 6 -11.45 13.34 -15.55
CA ILE A 6 -11.04 12.70 -14.31
C ILE A 6 -10.50 13.74 -13.33
N ARG A 7 -9.56 14.57 -13.82
CA ARG A 7 -8.93 15.56 -12.94
C ARG A 7 -9.94 16.54 -12.37
N GLU A 8 -11.00 16.83 -13.13
CA GLU A 8 -12.05 17.73 -12.66
C GLU A 8 -12.76 17.25 -11.38
N GLN A 9 -12.75 15.95 -11.12
CA GLN A 9 -13.35 15.37 -9.96
C GLN A 9 -12.50 15.49 -8.68
N PHE A 10 -11.24 15.96 -8.77
CA PHE A 10 -10.34 16.06 -7.61
C PHE A 10 -10.06 17.51 -7.27
N PRO A 11 -10.83 18.07 -6.34
CA PRO A 11 -10.69 19.55 -6.09
C PRO A 11 -9.34 19.97 -5.70
N ILE A 12 -8.62 19.11 -5.00
CA ILE A 12 -7.29 19.52 -4.48
C ILE A 12 -6.24 19.81 -5.57
N LEU A 13 -6.41 19.26 -6.77
CA LEU A 13 -5.43 19.45 -7.80
C LEU A 13 -5.45 20.89 -8.38
N HIS A 14 -6.52 21.64 -8.14
CA HIS A 14 -6.73 22.93 -8.78
C HIS A 14 -6.30 24.08 -7.87
N GLN A 15 -5.01 24.14 -7.60
CA GLN A 15 -4.45 25.19 -6.77
C GLN A 15 -3.01 25.42 -7.14
N GLN A 16 -2.44 26.50 -6.63
CA GLN A 16 -1.06 26.84 -6.85
C GLN A 16 -0.28 26.71 -5.55
N VAL A 17 0.98 26.33 -5.70
CA VAL A 17 1.96 26.26 -4.64
C VAL A 17 3.15 27.11 -5.05
N ASN A 18 3.57 28.07 -4.20
CA ASN A 18 4.69 28.97 -4.51
C ASN A 18 4.53 29.64 -5.91
N GLY A 19 3.30 29.95 -6.27
CA GLY A 19 2.96 30.64 -7.52
C GLY A 19 3.03 29.78 -8.76
N HIS A 20 3.05 28.48 -8.60
CA HIS A 20 3.05 27.54 -9.72
C HIS A 20 1.87 26.59 -9.58
N ASP A 21 1.32 26.12 -10.68
CA ASP A 21 0.30 25.07 -10.59
C ASP A 21 0.88 23.85 -9.87
N LEU A 22 0.10 23.33 -8.94
CA LEU A 22 0.46 22.12 -8.20
C LEU A 22 0.67 20.97 -9.18
N VAL A 23 1.78 20.26 -8.98
CA VAL A 23 2.04 19.00 -9.69
C VAL A 23 2.27 17.96 -8.60
N TYR A 24 1.22 17.18 -8.31
CA TYR A 24 1.24 16.22 -7.19
C TYR A 24 1.75 14.86 -7.68
N LEU A 25 3.00 14.53 -7.35
CA LEU A 25 3.63 13.28 -7.75
C LEU A 25 4.03 12.47 -6.54
N ASP A 26 3.14 12.42 -5.53
CA ASP A 26 3.44 11.69 -4.31
C ASP A 26 2.30 10.76 -3.91
N SER A 27 1.59 10.22 -4.91
CA SER A 27 0.49 9.31 -4.64
C SER A 27 0.89 8.03 -3.93
N ALA A 28 2.13 7.58 -4.07
CA ALA A 28 2.62 6.41 -3.31
C ALA A 28 2.71 6.65 -1.81
N ALA A 29 2.79 7.92 -1.39
CA ALA A 29 2.70 8.28 0.02
C ALA A 29 1.23 8.36 0.44
N THR A 30 0.43 9.07 -0.32
CA THR A 30 -1.03 9.05 -0.16
C THR A 30 -1.69 9.60 -1.43
N SER A 31 -2.89 9.06 -1.71
CA SER A 31 -3.62 9.50 -2.91
C SER A 31 -4.56 10.68 -2.58
N GLN A 32 -4.95 11.38 -3.62
CA GLN A 32 -5.98 12.37 -3.51
C GLN A 32 -7.38 11.81 -3.75
N LYS A 33 -8.42 12.55 -3.31
CA LYS A 33 -9.78 12.01 -3.27
C LYS A 33 -10.70 12.74 -4.23
N PRO A 34 -11.56 11.99 -4.89
CA PRO A 34 -12.55 12.63 -5.75
C PRO A 34 -13.76 13.12 -4.94
N ARG A 35 -14.53 14.01 -5.54
CA ARG A 35 -15.73 14.53 -4.91
C ARG A 35 -16.69 13.40 -4.48
N ALA A 36 -16.79 12.33 -5.27
CA ALA A 36 -17.66 11.21 -4.92
C ALA A 36 -17.37 10.65 -3.53
N VAL A 37 -16.09 10.58 -3.16
CA VAL A 37 -15.69 10.09 -1.86
C VAL A 37 -15.95 11.14 -0.75
N ILE A 38 -15.53 12.35 -1.02
CA ILE A 38 -15.68 13.41 -0.04
C ILE A 38 -17.17 13.64 0.29
N GLU A 39 -18.00 13.65 -0.75
CA GLU A 39 -19.45 13.81 -0.59
C GLU A 39 -20.10 12.63 0.09
N THR A 40 -19.49 11.45 0.00
CA THR A 40 -20.01 10.27 0.71
C THR A 40 -19.85 10.48 2.21
N LEU A 41 -18.68 10.99 2.60
CA LEU A 41 -18.45 11.32 4.04
C LEU A 41 -19.44 12.37 4.51
N ASP A 42 -19.60 13.44 3.71
CA ASP A 42 -20.50 14.52 4.09
C ASP A 42 -21.91 13.99 4.25
N LYS A 43 -22.38 13.15 3.31
CA LYS A 43 -23.75 12.64 3.40
C LYS A 43 -23.93 11.80 4.65
N TYR A 44 -22.94 10.99 4.96
CA TYR A 44 -22.95 10.17 6.17
C TYR A 44 -23.19 11.04 7.42
N TYR A 45 -22.32 12.00 7.63
CA TYR A 45 -22.43 12.84 8.84
C TYR A 45 -23.63 13.78 8.81
N ASN A 46 -24.07 14.20 7.63
CA ASN A 46 -25.21 15.08 7.52
C ASN A 46 -26.54 14.36 7.68
N GLN A 47 -26.59 13.06 7.37
CA GLN A 47 -27.88 12.39 7.22
C GLN A 47 -28.11 11.11 8.00
N TYR A 48 -27.10 10.22 8.18
CA TYR A 48 -27.39 8.94 8.79
C TYR A 48 -26.37 8.35 9.77
N ASN A 49 -25.50 9.19 10.30
CA ASN A 49 -24.59 8.77 11.37
C ASN A 49 -25.37 8.23 12.59
N SER A 50 -24.94 7.09 13.04
CA SER A 50 -25.44 6.40 14.23
C SER A 50 -24.52 5.22 14.46
N ASN A 51 -24.53 4.65 15.64
CA ASN A 51 -23.72 3.46 15.86
C ASN A 51 -24.44 2.26 15.17
N VAL A 52 -23.70 1.18 14.96
CA VAL A 52 -24.21 0.07 14.22
C VAL A 52 -24.99 -0.94 15.07
N HIS A 53 -25.60 -1.87 14.36
CA HIS A 53 -26.65 -2.86 14.78
C HIS A 53 -28.05 -2.50 14.16
N ARG A 54 -28.60 -3.42 13.36
CA ARG A 54 -29.98 -3.27 12.84
C ARG A 54 -31.01 -3.55 13.95
N GLY A 55 -32.26 -3.14 13.71
CA GLY A 55 -33.34 -3.58 14.58
C GLY A 55 -33.49 -2.71 15.81
N VAL A 56 -32.83 -1.55 15.79
CA VAL A 56 -32.96 -0.65 16.92
C VAL A 56 -33.72 0.64 16.55
N HIS A 57 -33.08 1.47 15.74
CA HIS A 57 -33.74 2.67 15.20
C HIS A 57 -33.33 2.96 13.76
N THR A 58 -34.04 3.86 13.12
CA THR A 58 -33.93 4.04 11.70
C THR A 58 -32.52 4.46 11.25
N LEU A 59 -31.95 5.50 11.88
CA LEU A 59 -30.60 5.94 11.46
C LEU A 59 -29.56 4.82 11.73
N GLY A 60 -29.73 4.10 12.83
CA GLY A 60 -28.87 2.99 13.18
C GLY A 60 -28.88 1.91 12.09
N THR A 61 -30.07 1.63 11.58
CA THR A 61 -30.20 0.64 10.51
C THR A 61 -29.50 1.14 9.23
N ARG A 62 -29.70 2.44 8.92
CA ARG A 62 -29.04 3.04 7.74
C ARG A 62 -27.54 2.98 7.84
N ALA A 63 -27.02 3.31 9.03
CA ALA A 63 -25.58 3.27 9.25
C ALA A 63 -25.03 1.85 9.10
N THR A 64 -25.76 0.89 9.64
CA THR A 64 -25.33 -0.49 9.59
C THR A 64 -25.35 -0.99 8.17
N ASP A 65 -26.43 -0.67 7.44
CA ASP A 65 -26.51 -1.10 6.05
C ASP A 65 -25.36 -0.47 5.22
N GLY A 66 -25.01 0.82 5.51
CA GLY A 66 -23.89 1.42 4.84
C GLY A 66 -22.56 0.68 5.10
N TYR A 67 -22.33 0.38 6.37
CA TYR A 67 -21.10 -0.26 6.84
C TYR A 67 -20.93 -1.68 6.26
N GLU A 68 -21.95 -2.50 6.44
CA GLU A 68 -21.90 -3.83 5.94
C GLU A 68 -21.97 -3.84 4.39
N GLY A 69 -22.69 -2.89 3.80
CA GLY A 69 -22.70 -2.70 2.33
C GLY A 69 -21.27 -2.44 1.81
N ALA A 70 -20.50 -1.66 2.55
CA ALA A 70 -19.12 -1.43 2.15
C ALA A 70 -18.26 -2.70 2.25
N ARG A 71 -18.51 -3.53 3.27
CA ARG A 71 -17.83 -4.79 3.38
C ARG A 71 -18.05 -5.66 2.16
N GLU A 72 -19.28 -5.69 1.66
CA GLU A 72 -19.57 -6.46 0.45
C GLU A 72 -18.89 -5.88 -0.77
N LYS A 73 -18.83 -4.54 -0.87
CA LYS A 73 -18.10 -3.91 -1.98
C LYS A 73 -16.62 -4.34 -1.99
N VAL A 74 -15.99 -4.39 -0.81
CA VAL A 74 -14.64 -4.84 -0.70
C VAL A 74 -14.53 -6.31 -1.14
N ARG A 75 -15.41 -7.14 -0.60
CA ARG A 75 -15.39 -8.55 -0.97
C ARG A 75 -15.38 -8.73 -2.49
N LYS A 76 -16.32 -8.07 -3.14
CA LYS A 76 -16.42 -8.14 -4.61
C LYS A 76 -15.13 -7.62 -5.31
N PHE A 77 -14.61 -6.49 -4.82
CA PHE A 77 -13.48 -5.82 -5.41
C PHE A 77 -12.21 -6.66 -5.43
N ILE A 78 -11.97 -7.45 -4.38
CA ILE A 78 -10.81 -8.33 -4.35
C ILE A 78 -11.14 -9.80 -4.68
N ASN A 79 -12.40 -10.07 -5.00
CA ASN A 79 -12.90 -11.40 -5.33
C ASN A 79 -12.70 -12.42 -4.20
N ALA A 80 -12.90 -12.00 -2.95
CA ALA A 80 -12.94 -12.95 -1.87
C ALA A 80 -14.27 -13.76 -1.94
N LYS A 81 -14.24 -14.96 -1.39
CA LYS A 81 -15.43 -15.83 -1.35
C LYS A 81 -16.54 -15.32 -0.44
N SER A 82 -16.16 -14.70 0.68
CA SER A 82 -17.12 -14.39 1.72
C SER A 82 -16.74 -13.10 2.44
N MET A 83 -17.79 -12.41 2.93
CA MET A 83 -17.61 -11.25 3.82
C MET A 83 -16.98 -11.64 5.14
N ALA A 84 -17.06 -12.92 5.53
CA ALA A 84 -16.37 -13.41 6.71
C ALA A 84 -14.86 -13.23 6.64
N GLU A 85 -14.33 -13.12 5.43
CA GLU A 85 -12.90 -13.01 5.15
C GLU A 85 -12.44 -11.56 5.04
N ILE A 86 -13.35 -10.61 5.18
CA ILE A 86 -13.04 -9.17 5.00
C ILE A 86 -13.16 -8.45 6.35
N ILE A 87 -12.02 -8.08 6.90
CA ILE A 87 -11.93 -7.40 8.17
C ILE A 87 -11.50 -5.92 7.96
N PHE A 88 -12.28 -4.98 8.49
CA PHE A 88 -11.88 -3.60 8.49
C PHE A 88 -10.89 -3.34 9.61
N THR A 89 -9.82 -2.63 9.27
CA THR A 89 -8.74 -2.25 10.21
C THR A 89 -8.41 -0.79 10.02
N LYS A 90 -7.43 -0.30 10.77
CA LYS A 90 -6.96 1.06 10.62
C LYS A 90 -6.11 1.28 9.37
N GLY A 91 -5.61 0.21 8.75
CA GLY A 91 -4.70 0.37 7.62
C GLY A 91 -3.86 -0.89 7.43
N THR A 92 -3.05 -0.86 6.40
CA THR A 92 -2.18 -2.03 6.06
C THR A 92 -1.32 -2.39 7.24
N THR A 93 -0.70 -1.38 7.85
CA THR A 93 0.21 -1.68 8.99
C THR A 93 -0.53 -2.46 10.09
N THR A 94 -1.73 -2.02 10.46
CA THR A 94 -2.47 -2.71 11.50
C THR A 94 -2.82 -4.14 11.04
N SER A 95 -3.26 -4.26 9.76
CA SER A 95 -3.58 -5.58 9.21
C SER A 95 -2.41 -6.60 9.36
N LEU A 96 -1.20 -6.15 8.97
CA LEU A 96 -0.01 -7.00 9.03
C LEU A 96 0.34 -7.34 10.50
N ASN A 97 0.19 -6.34 11.39
CA ASN A 97 0.39 -6.61 12.80
C ASN A 97 -0.57 -7.65 13.38
N MET A 98 -1.81 -7.60 12.92
CA MET A 98 -2.81 -8.56 13.37
C MET A 98 -2.42 -9.97 12.97
N VAL A 99 -1.94 -10.15 11.74
CA VAL A 99 -1.45 -11.45 11.33
C VAL A 99 -0.24 -11.88 12.18
N ALA A 100 0.69 -10.97 12.40
CA ALA A 100 1.89 -11.28 13.23
C ALA A 100 1.53 -11.69 14.68
N LEU A 101 0.54 -11.03 15.26
CA LEU A 101 0.14 -11.25 16.62
C LEU A 101 -0.69 -12.52 16.76
N SER A 102 -1.71 -12.67 15.93
CA SER A 102 -2.72 -13.73 16.09
CA SER A 102 -2.70 -13.73 16.08
C SER A 102 -2.39 -15.01 15.31
N TYR A 103 -1.65 -14.90 14.22
CA TYR A 103 -1.25 -16.11 13.49
C TYR A 103 0.21 -16.47 13.84
N ALA A 104 1.17 -15.56 13.64
CA ALA A 104 2.58 -15.94 13.80
C ALA A 104 2.95 -16.28 15.22
N ARG A 105 2.57 -15.41 16.15
CA ARG A 105 2.90 -15.71 17.57
C ARG A 105 2.26 -16.98 18.12
N ALA A 106 1.21 -17.49 17.48
CA ALA A 106 0.54 -18.75 17.83
C ALA A 106 1.07 -20.01 17.12
N ASN A 107 1.72 -19.82 15.97
CA ASN A 107 2.16 -20.94 15.11
C ASN A 107 3.65 -21.06 14.89
N LEU A 108 4.46 -20.27 15.55
CA LEU A 108 5.90 -20.36 15.40
C LEU A 108 6.52 -20.96 16.67
N LYS A 109 7.50 -21.81 16.44
CA LYS A 109 8.32 -22.37 17.54
C LYS A 109 9.80 -22.34 17.10
N PRO A 110 10.74 -22.57 18.03
CA PRO A 110 12.16 -22.65 17.65
C PRO A 110 12.40 -23.61 16.49
N GLY A 111 13.19 -23.18 15.52
CA GLY A 111 13.41 -23.96 14.30
C GLY A 111 12.55 -23.55 13.10
N ASP A 112 11.39 -22.93 13.36
CA ASP A 112 10.51 -22.46 12.29
C ASP A 112 11.07 -21.18 11.71
N GLU A 113 10.70 -20.89 10.47
CA GLU A 113 11.22 -19.73 9.78
C GLU A 113 10.09 -18.83 9.26
N VAL A 114 10.36 -17.52 9.31
CA VAL A 114 9.58 -16.50 8.59
C VAL A 114 10.50 -15.97 7.50
N VAL A 115 10.01 -16.01 6.26
CA VAL A 115 10.81 -15.58 5.12
C VAL A 115 10.21 -14.32 4.51
N ILE A 116 11.03 -13.27 4.44
CA ILE A 116 10.67 -11.98 3.82
C ILE A 116 11.69 -11.63 2.72
N THR A 117 11.63 -10.44 2.18
CA THR A 117 12.55 -9.98 1.13
C THR A 117 13.21 -8.66 1.53
N TYR A 118 14.33 -8.30 0.87
CA TYR A 118 15.01 -7.06 1.15
C TYR A 118 14.23 -5.84 0.74
N MET A 119 13.22 -6.00 -0.12
CA MET A 119 12.47 -4.81 -0.61
C MET A 119 11.26 -4.48 0.24
N GLU A 120 11.02 -5.19 1.34
CA GLU A 120 9.78 -4.93 2.10
C GLU A 120 9.76 -3.56 2.74
N HIS A 121 8.55 -2.99 2.83
CA HIS A 121 8.28 -1.83 3.61
C HIS A 121 8.42 -2.27 5.08
N HIS A 122 8.74 -1.29 5.94
CA HIS A 122 8.85 -1.55 7.40
C HIS A 122 7.62 -2.24 8.04
N ALA A 123 6.42 -1.94 7.52
CA ALA A 123 5.20 -2.54 7.99
C ALA A 123 5.21 -4.05 7.82
N ASN A 124 5.94 -4.54 6.82
CA ASN A 124 6.08 -5.93 6.56
C ASN A 124 7.46 -6.48 6.90
N ILE A 125 8.13 -5.80 7.84
CA ILE A 125 9.39 -6.29 8.41
C ILE A 125 9.33 -6.33 9.95
N ILE A 126 9.01 -5.21 10.57
CA ILE A 126 9.15 -5.15 12.01
CA ILE A 126 9.12 -5.07 12.02
C ILE A 126 8.19 -6.05 12.78
N PRO A 127 6.93 -6.19 12.33
CA PRO A 127 6.06 -7.16 13.05
C PRO A 127 6.64 -8.59 13.09
N TRP A 128 7.32 -8.97 11.99
CA TRP A 128 7.91 -10.32 11.91
C TRP A 128 9.19 -10.41 12.76
N GLN A 129 9.98 -9.33 12.81
CA GLN A 129 11.13 -9.28 13.73
C GLN A 129 10.67 -9.55 15.16
N GLN A 130 9.56 -8.90 15.55
CA GLN A 130 9.03 -9.02 16.89
C GLN A 130 8.44 -10.41 17.11
N ALA A 131 7.74 -10.95 16.11
CA ALA A 131 7.15 -12.27 16.23
C ALA A 131 8.20 -13.37 16.39
N VAL A 132 9.29 -13.27 15.62
CA VAL A 132 10.36 -14.28 15.74
C VAL A 132 11.07 -14.17 17.09
N LYS A 133 11.29 -12.95 17.56
CA LYS A 133 11.87 -12.73 18.87
C LYS A 133 11.03 -13.34 19.97
N ALA A 134 9.71 -13.18 19.86
CA ALA A 134 8.78 -13.66 20.89
C ALA A 134 8.71 -15.18 20.95
N THR A 135 9.00 -15.84 19.83
CA THR A 135 8.81 -17.26 19.68
C THR A 135 10.08 -18.11 19.58
N GLY A 136 11.23 -17.47 19.40
CA GLY A 136 12.49 -18.16 19.19
C GLY A 136 12.67 -18.69 17.78
N ALA A 137 11.85 -18.23 16.83
CA ALA A 137 11.92 -18.68 15.48
C ALA A 137 13.04 -17.87 14.76
N THR A 138 13.16 -18.08 13.45
CA THR A 138 14.22 -17.49 12.62
C THR A 138 13.66 -16.66 11.50
N LEU A 139 14.20 -15.47 11.30
CA LEU A 139 13.82 -14.62 10.18
C LEU A 139 14.88 -14.75 9.09
N LYS A 140 14.42 -14.96 7.87
CA LYS A 140 15.26 -15.12 6.68
C LYS A 140 14.81 -14.19 5.55
N TYR A 141 15.75 -13.77 4.74
CA TYR A 141 15.52 -12.86 3.63
C TYR A 141 15.81 -13.54 2.27
N ILE A 142 14.90 -13.39 1.35
CA ILE A 142 15.09 -13.81 -0.06
C ILE A 142 15.94 -12.74 -0.71
N PRO A 143 17.04 -13.12 -1.33
CA PRO A 143 17.87 -12.10 -2.04
C PRO A 143 17.21 -11.56 -3.31
N LEU A 144 17.70 -10.42 -3.78
CA LEU A 144 17.20 -9.78 -4.98
C LEU A 144 18.20 -9.89 -6.11
N GLN A 145 17.68 -9.92 -7.32
CA GLN A 145 18.51 -9.82 -8.50
C GLN A 145 19.01 -8.37 -8.69
N GLU A 146 19.91 -8.18 -9.63
CA GLU A 146 20.62 -6.92 -9.85
C GLU A 146 19.68 -5.78 -10.22
N ASP A 147 18.58 -6.08 -10.89
CA ASP A 147 17.57 -5.06 -11.22
C ASP A 147 16.48 -4.85 -10.18
N GLY A 148 16.62 -5.46 -9.00
CA GLY A 148 15.61 -5.35 -7.97
C GLY A 148 14.33 -6.20 -8.14
N THR A 149 14.44 -7.31 -8.84
CA THR A 149 13.42 -8.28 -8.93
C THR A 149 13.77 -9.51 -8.15
N ILE A 150 12.74 -10.31 -7.91
CA ILE A 150 12.91 -11.60 -7.23
C ILE A 150 12.88 -12.72 -8.25
N SER A 151 13.87 -13.59 -8.18
CA SER A 151 13.87 -14.80 -8.96
C SER A 151 13.13 -15.91 -8.22
N LEU A 152 12.31 -16.69 -8.94
CA LEU A 152 11.61 -17.80 -8.29
C LEU A 152 12.60 -18.90 -7.83
N GLU A 153 13.77 -19.01 -8.49
CA GLU A 153 14.83 -19.91 -7.99
C GLU A 153 15.34 -19.52 -6.60
N ASP A 154 15.55 -18.22 -6.36
CA ASP A 154 15.90 -17.74 -5.03
C ASP A 154 14.80 -17.99 -3.99
N VAL A 155 13.54 -17.89 -4.41
CA VAL A 155 12.44 -18.19 -3.48
C VAL A 155 12.46 -19.68 -3.13
N ARG A 156 12.61 -20.51 -4.15
CA ARG A 156 12.71 -21.98 -3.88
C ARG A 156 13.86 -22.35 -2.97
N GLU A 157 14.98 -21.67 -3.14
CA GLU A 157 16.15 -21.91 -2.29
C GLU A 157 15.94 -21.50 -0.84
N THR A 158 15.32 -20.31 -0.66
CA THR A 158 15.18 -19.70 0.66
C THR A 158 14.07 -20.34 1.51
N VAL A 159 12.97 -20.70 0.86
CA VAL A 159 11.83 -21.32 1.51
C VAL A 159 12.14 -22.83 1.67
N THR A 160 12.00 -23.34 2.89
CA THR A 160 12.34 -24.71 3.25
C THR A 160 11.14 -25.37 3.93
N SER A 161 11.26 -26.66 4.25
CA SER A 161 10.20 -27.32 4.99
C SER A 161 10.04 -26.82 6.43
N ASN A 162 10.97 -26.00 6.91
CA ASN A 162 10.82 -25.34 8.21
C ASN A 162 10.13 -23.95 8.13
N THR A 163 9.90 -23.48 6.90
CA THR A 163 9.25 -22.20 6.71
C THR A 163 7.76 -22.29 7.00
N LYS A 164 7.26 -21.41 7.88
CA LYS A 164 5.86 -21.36 8.22
C LYS A 164 5.14 -20.17 7.62
N ILE A 165 5.87 -19.09 7.36
CA ILE A 165 5.26 -17.86 6.83
C ILE A 165 6.21 -17.28 5.80
N VAL A 166 5.69 -16.97 4.64
CA VAL A 166 6.38 -16.13 3.64
C VAL A 166 5.57 -14.80 3.55
N ALA A 167 6.23 -13.68 3.80
CA ALA A 167 5.61 -12.38 3.70
C ALA A 167 6.32 -11.49 2.67
N VAL A 168 5.54 -10.92 1.77
CA VAL A 168 6.09 -10.23 0.60
C VAL A 168 5.17 -9.13 0.12
N SER A 169 5.74 -8.07 -0.45
CA SER A 169 4.96 -7.05 -1.10
C SER A 169 4.48 -7.51 -2.48
N HIS A 170 3.27 -7.14 -2.81
CA HIS A 170 2.78 -7.37 -4.17
C HIS A 170 3.57 -6.44 -5.12
N VAL A 171 3.63 -5.15 -4.76
CA VAL A 171 4.36 -4.16 -5.52
C VAL A 171 5.22 -3.37 -4.56
N SER A 172 6.46 -3.14 -4.93
CA SER A 172 7.36 -2.29 -4.12
C SER A 172 7.08 -0.83 -4.36
N ASN A 173 6.97 -0.05 -3.26
CA ASN A 173 6.78 1.37 -3.31
C ASN A 173 8.07 2.15 -3.66
N VAL A 174 9.19 1.46 -3.80
CA VAL A 174 10.47 2.11 -4.13
C VAL A 174 10.95 1.68 -5.51
N LEU A 175 10.99 0.38 -5.77
CA LEU A 175 11.54 -0.15 -7.03
C LEU A 175 10.51 -0.15 -8.16
N GLY A 176 9.22 -0.20 -7.79
CA GLY A 176 8.10 -0.37 -8.71
C GLY A 176 7.95 -1.80 -9.19
N THR A 177 8.76 -2.70 -8.66
CA THR A 177 8.67 -4.12 -9.01
C THR A 177 7.31 -4.72 -8.65
N VAL A 178 6.76 -5.51 -9.58
CA VAL A 178 5.56 -6.31 -9.36
C VAL A 178 6.06 -7.73 -9.11
N ASN A 179 5.88 -8.21 -7.91
CA ASN A 179 6.39 -9.51 -7.53
C ASN A 179 5.48 -10.63 -7.97
N PRO A 180 6.06 -11.80 -8.23
CA PRO A 180 5.27 -12.94 -8.77
C PRO A 180 4.55 -13.71 -7.65
N ILE A 181 3.56 -13.07 -7.07
CA ILE A 181 2.88 -13.55 -5.90
C ILE A 181 2.18 -14.88 -6.08
N LYS A 182 1.54 -15.06 -7.24
CA LYS A 182 0.83 -16.33 -7.48
C LYS A 182 1.82 -17.53 -7.45
N GLU A 183 2.96 -17.37 -8.11
CA GLU A 183 3.98 -18.42 -8.11
C GLU A 183 4.64 -18.58 -6.75
N MET A 184 4.84 -17.48 -6.02
CA MET A 184 5.39 -17.59 -4.67
C MET A 184 4.46 -18.32 -3.70
N ALA A 185 3.15 -18.11 -3.87
CA ALA A 185 2.17 -18.79 -3.06
C ALA A 185 2.26 -20.29 -3.25
N LYS A 186 2.48 -20.74 -4.49
CA LYS A 186 2.61 -22.14 -4.77
C LYS A 186 3.85 -22.73 -4.05
N ILE A 187 4.96 -22.00 -4.09
CA ILE A 187 6.18 -22.43 -3.45
C ILE A 187 5.98 -22.45 -1.91
N ALA A 188 5.37 -21.42 -1.36
CA ALA A 188 5.05 -21.43 0.07
C ALA A 188 4.22 -22.67 0.45
N HIS A 189 3.13 -22.89 -0.26
CA HIS A 189 2.21 -23.98 0.04
C HIS A 189 2.86 -25.34 -0.09
N ASP A 190 3.72 -25.50 -1.09
CA ASP A 190 4.41 -26.76 -1.30
C ASP A 190 5.33 -27.11 -0.13
N ASN A 191 5.82 -26.10 0.56
CA ASN A 191 6.64 -26.24 1.74
C ASN A 191 5.91 -26.24 3.08
N GLY A 192 4.59 -26.06 3.05
CA GLY A 192 3.78 -26.11 4.26
C GLY A 192 3.63 -24.76 4.94
N ALA A 193 3.90 -23.69 4.21
CA ALA A 193 3.85 -22.30 4.73
C ALA A 193 2.61 -21.61 4.23
N VAL A 194 2.19 -20.57 4.96
CA VAL A 194 1.22 -19.61 4.44
C VAL A 194 1.96 -18.43 3.80
N ILE A 195 1.26 -17.70 2.92
CA ILE A 195 1.80 -16.47 2.33
C ILE A 195 0.95 -15.26 2.73
N VAL A 196 1.66 -14.22 3.17
CA VAL A 196 1.07 -12.97 3.61
C VAL A 196 1.50 -11.90 2.61
N VAL A 197 0.51 -11.30 1.95
CA VAL A 197 0.77 -10.32 0.90
C VAL A 197 0.46 -8.89 1.35
N ASP A 198 1.47 -8.05 1.32
CA ASP A 198 1.31 -6.60 1.51
C ASP A 198 0.88 -6.01 0.17
N GLY A 199 -0.40 -5.73 0.07
CA GLY A 199 -1.01 -5.21 -1.14
C GLY A 199 -1.27 -3.73 -1.15
N ALA A 200 -0.59 -2.99 -0.30
CA ALA A 200 -0.89 -1.54 -0.19
C ALA A 200 -0.64 -0.77 -1.48
N GLN A 201 0.38 -1.17 -2.27
CA GLN A 201 0.76 -0.45 -3.46
C GLN A 201 0.19 -1.13 -4.72
N SER A 202 -0.36 -2.33 -4.60
CA SER A 202 -0.98 -2.97 -5.79
C SER A 202 -2.48 -2.63 -5.94
N THR A 203 -3.20 -2.70 -4.82
CA THR A 203 -4.64 -2.53 -4.82
C THR A 203 -5.13 -1.26 -5.51
N PRO A 204 -4.42 -0.12 -5.31
CA PRO A 204 -4.93 1.08 -5.93
C PRO A 204 -4.87 1.12 -7.48
N HIS A 205 -3.99 0.28 -8.03
CA HIS A 205 -3.46 0.43 -9.38
C HIS A 205 -3.72 -0.69 -10.35
N MET A 206 -4.15 -1.84 -9.83
CA MET A 206 -4.39 -3.02 -10.66
C MET A 206 -5.44 -3.90 -9.99
N LYS A 207 -6.18 -4.67 -10.79
CA LYS A 207 -7.12 -5.59 -10.27
C LYS A 207 -6.45 -6.64 -9.37
N ILE A 208 -7.13 -6.90 -8.24
CA ILE A 208 -6.73 -7.97 -7.29
C ILE A 208 -7.78 -9.06 -7.32
N ASP A 209 -7.35 -10.30 -7.47
CA ASP A 209 -8.25 -11.45 -7.37
C ASP A 209 -7.58 -12.42 -6.41
N VAL A 210 -8.06 -12.45 -5.16
CA VAL A 210 -7.40 -13.27 -4.16
C VAL A 210 -7.58 -14.77 -4.41
N GLN A 211 -8.59 -15.16 -5.17
CA GLN A 211 -8.80 -16.57 -5.47
C GLN A 211 -7.71 -17.01 -6.50
N ASP A 212 -7.41 -16.17 -7.47
CA ASP A 212 -6.39 -16.45 -8.46
C ASP A 212 -4.98 -16.38 -7.86
N LEU A 213 -4.71 -15.37 -7.02
CA LEU A 213 -3.43 -15.29 -6.32
C LEU A 213 -3.18 -16.42 -5.33
N ASP A 214 -4.27 -16.92 -4.73
CA ASP A 214 -4.23 -17.95 -3.71
C ASP A 214 -3.45 -17.52 -2.50
N CYS A 215 -3.49 -16.23 -2.19
CA CYS A 215 -2.80 -15.74 -1.00
C CYS A 215 -3.62 -16.09 0.28
N ASP A 216 -2.91 -16.36 1.36
CA ASP A 216 -3.57 -16.68 2.61
C ASP A 216 -4.07 -15.46 3.35
N PHE A 217 -3.29 -14.40 3.30
CA PHE A 217 -3.64 -13.11 3.85
C PHE A 217 -3.23 -12.03 2.83
N PHE A 218 -4.00 -10.93 2.81
CA PHE A 218 -3.78 -9.80 1.92
C PHE A 218 -4.20 -8.54 2.66
N ALA A 219 -3.32 -7.56 2.69
CA ALA A 219 -3.56 -6.31 3.41
C ALA A 219 -3.52 -5.09 2.44
N LEU A 220 -4.39 -4.10 2.71
CA LEU A 220 -4.47 -2.90 1.89
C LEU A 220 -4.89 -1.69 2.72
N SER A 221 -4.61 -0.52 2.17
CA SER A 221 -4.92 0.76 2.79
C SER A 221 -5.85 1.64 1.90
N SER A 222 -6.90 2.15 2.51
CA SER A 222 -7.82 3.07 1.84
C SER A 222 -7.16 4.34 1.33
N HIS A 223 -6.27 4.91 2.14
CA HIS A 223 -5.75 6.22 1.80
C HIS A 223 -4.90 6.26 0.53
N LYS A 224 -4.40 5.09 0.09
CA LYS A 224 -3.63 5.00 -1.15
C LYS A 224 -4.51 4.77 -2.41
N MET A 225 -5.81 4.52 -2.22
CA MET A 225 -6.72 4.17 -3.32
C MET A 225 -7.93 5.08 -3.38
N CYS A 226 -7.70 6.38 -3.15
CA CYS A 226 -8.73 7.43 -3.28
C CYS A 226 -9.74 7.42 -2.12
N GLY A 227 -9.45 6.66 -1.08
CA GLY A 227 -10.35 6.56 0.03
C GLY A 227 -9.92 7.36 1.26
N PRO A 228 -10.77 7.39 2.29
CA PRO A 228 -10.43 8.15 3.52
C PRO A 228 -9.18 7.62 4.23
N THR A 229 -8.54 8.49 5.02
CA THR A 229 -7.51 8.08 5.90
C THR A 229 -8.09 7.25 7.06
N GLY A 230 -7.25 6.45 7.66
CA GLY A 230 -7.58 5.72 8.88
C GLY A 230 -8.31 4.44 8.72
N VAL A 231 -8.35 3.92 7.50
CA VAL A 231 -9.05 2.66 7.27
C VAL A 231 -8.27 1.77 6.31
N GLY A 232 -8.38 0.49 6.55
CA GLY A 232 -7.81 -0.52 5.68
C GLY A 232 -8.55 -1.82 5.82
N VAL A 233 -8.01 -2.83 5.15
CA VAL A 233 -8.62 -4.15 5.13
C VAL A 233 -7.57 -5.21 5.40
N LEU A 234 -7.99 -6.24 6.13
CA LEU A 234 -7.27 -7.49 6.18
C LEU A 234 -8.19 -8.54 5.59
N TYR A 235 -7.72 -9.16 4.52
CA TYR A 235 -8.34 -10.37 4.00
C TYR A 235 -7.57 -11.56 4.55
N GLY A 236 -8.32 -12.59 4.95
CA GLY A 236 -7.69 -13.87 5.28
C GLY A 236 -8.59 -15.01 4.85
N LYS A 237 -7.98 -16.12 4.46
CA LYS A 237 -8.81 -17.29 4.11
C LYS A 237 -9.63 -17.65 5.37
N LYS A 238 -10.91 -17.95 5.17
CA LYS A 238 -11.82 -18.20 6.28
C LYS A 238 -11.30 -19.28 7.22
N ALA A 239 -10.75 -20.38 6.68
CA ALA A 239 -10.29 -21.46 7.55
C ALA A 239 -9.18 -21.00 8.51
N LEU A 240 -8.31 -20.11 8.05
CA LEU A 240 -7.26 -19.58 8.90
C LEU A 240 -7.81 -18.64 9.97
N LEU A 241 -8.70 -17.73 9.56
CA LEU A 241 -9.27 -16.76 10.49
C LEU A 241 -10.08 -17.46 11.57
N GLU A 242 -10.76 -18.55 11.21
CA GLU A 242 -11.60 -19.27 12.18
C GLU A 242 -10.77 -19.79 13.34
N ASN A 243 -9.53 -20.18 13.06
CA ASN A 243 -8.65 -20.74 14.08
C ASN A 243 -7.74 -19.76 14.80
N MET A 244 -7.75 -18.50 14.39
CA MET A 244 -6.96 -17.45 15.01
C MET A 244 -7.77 -16.78 16.11
N GLU A 245 -7.09 -16.44 17.19
CA GLU A 245 -7.68 -15.64 18.27
C GLU A 245 -7.66 -14.15 17.89
N PRO A 246 -8.60 -13.37 18.42
CA PRO A 246 -8.62 -11.94 18.21
C PRO A 246 -7.35 -11.25 18.64
N ALA A 247 -7.01 -10.15 17.97
CA ALA A 247 -5.85 -9.31 18.39
C ALA A 247 -6.17 -8.22 19.40
N GLU A 248 -7.44 -7.85 19.47
CA GLU A 248 -7.98 -6.77 20.35
C GLU A 248 -9.32 -7.27 20.87
N PHE A 249 -9.69 -6.82 22.06
CA PHE A 249 -10.84 -7.33 22.75
C PHE A 249 -11.71 -6.21 23.25
N GLY A 250 -13.02 -6.42 23.23
CA GLY A 250 -13.94 -5.40 23.72
C GLY A 250 -15.32 -5.68 23.27
N GLY A 251 -16.12 -4.64 23.29
CA GLY A 251 -17.46 -4.72 22.78
C GLY A 251 -17.44 -5.03 21.28
N GLU A 252 -18.58 -5.49 20.82
CA GLU A 252 -18.85 -5.71 19.38
C GLU A 252 -18.25 -7.01 18.87
N MET A 253 -17.15 -7.47 19.45
CA MET A 253 -16.49 -8.71 19.03
C MET A 253 -16.86 -9.90 19.92
N ILE A 254 -17.64 -9.64 20.97
CA ILE A 254 -18.05 -10.70 21.89
C ILE A 254 -19.45 -11.21 21.60
N ASP A 255 -19.69 -12.39 22.09
CA ASP A 255 -21.00 -12.97 22.20
C ASP A 255 -21.46 -12.97 23.68
N PHE A 256 -20.77 -13.69 24.53
CA PHE A 256 -21.09 -13.75 25.95
C PHE A 256 -19.91 -13.23 26.77
N VAL A 257 -20.20 -12.41 27.78
CA VAL A 257 -19.16 -11.92 28.69
C VAL A 257 -19.54 -12.29 30.08
N GLY A 258 -18.73 -13.13 30.71
CA GLY A 258 -18.79 -13.46 32.15
C GLY A 258 -17.76 -12.64 32.92
N LEU A 259 -17.67 -12.85 34.22
CA LEU A 259 -16.69 -12.11 35.02
C LEU A 259 -15.26 -12.37 34.59
N TYR A 260 -14.96 -13.62 34.27
CA TYR A 260 -13.58 -14.09 34.03
C TYR A 260 -13.31 -14.58 32.60
N GLU A 261 -14.36 -15.00 31.90
CA GLU A 261 -14.24 -15.65 30.57
C GLU A 261 -15.28 -15.06 29.66
N SER A 262 -14.96 -15.02 28.38
CA SER A 262 -15.86 -14.51 27.36
C SER A 262 -15.77 -15.39 26.12
N THR A 263 -16.78 -15.31 25.28
CA THR A 263 -16.79 -16.03 23.98
C THR A 263 -16.92 -14.97 22.86
N TRP A 264 -16.46 -15.34 21.68
CA TRP A 264 -16.34 -14.37 20.57
C TRP A 264 -17.48 -14.54 19.56
N LYS A 265 -17.77 -13.44 18.87
CA LYS A 265 -18.69 -13.40 17.72
C LYS A 265 -18.08 -14.22 16.58
N GLU A 266 -18.94 -14.57 15.63
CA GLU A 266 -18.47 -15.19 14.39
C GLU A 266 -17.66 -14.17 13.57
N LEU A 267 -16.97 -14.68 12.56
CA LEU A 267 -16.34 -13.82 11.56
C LEU A 267 -17.36 -13.00 10.76
N PRO A 268 -17.01 -11.80 10.33
CA PRO A 268 -15.71 -11.13 10.52
C PRO A 268 -15.60 -10.37 11.84
N TRP A 269 -16.72 -10.22 12.53
CA TRP A 269 -16.80 -9.32 13.70
C TRP A 269 -15.91 -9.72 14.89
N LYS A 270 -15.57 -11.02 14.97
CA LYS A 270 -14.53 -11.50 15.91
C LYS A 270 -13.30 -10.58 15.94
N PHE A 271 -12.91 -10.03 14.79
CA PHE A 271 -11.70 -9.21 14.66
C PHE A 271 -11.94 -7.73 14.62
N GLU A 272 -13.15 -7.27 14.97
CA GLU A 272 -13.50 -5.83 14.96
C GLU A 272 -13.99 -5.42 16.34
N ALA A 273 -13.09 -5.02 17.18
CA ALA A 273 -13.44 -4.63 18.55
C ALA A 273 -13.76 -3.15 18.59
N GLY A 274 -14.78 -2.81 19.36
CA GLY A 274 -15.16 -1.43 19.52
C GLY A 274 -16.04 -0.87 18.43
N THR A 275 -16.44 0.38 18.60
CA THR A 275 -17.23 1.06 17.56
C THR A 275 -16.36 1.08 16.28
N PRO A 276 -16.94 0.65 15.17
CA PRO A 276 -16.15 0.56 13.98
C PRO A 276 -15.81 1.91 13.33
N ILE A 277 -14.99 1.83 12.29
CA ILE A 277 -14.57 3.00 11.51
C ILE A 277 -15.68 3.26 10.49
N ILE A 278 -16.82 3.75 10.95
CA ILE A 278 -18.02 3.68 10.17
C ILE A 278 -17.89 4.54 8.89
N ALA A 279 -17.63 5.83 9.10
CA ALA A 279 -17.62 6.73 7.96
C ALA A 279 -16.52 6.34 7.01
N GLY A 280 -15.33 6.02 7.54
CA GLY A 280 -14.21 5.69 6.71
C GLY A 280 -14.49 4.48 5.83
N ALA A 281 -15.08 3.44 6.41
CA ALA A 281 -15.40 2.25 5.63
C ALA A 281 -16.40 2.55 4.52
N ILE A 282 -17.41 3.36 4.85
CA ILE A 282 -18.40 3.76 3.84
C ILE A 282 -17.67 4.54 2.73
N GLY A 283 -16.80 5.46 3.10
CA GLY A 283 -16.03 6.19 2.12
C GLY A 283 -15.13 5.31 1.26
N LEU A 284 -14.53 4.28 1.86
CA LEU A 284 -13.73 3.33 1.09
C LEU A 284 -14.62 2.59 0.06
N GLY A 285 -15.85 2.23 0.46
CA GLY A 285 -16.80 1.68 -0.50
C GLY A 285 -17.07 2.60 -1.67
N ALA A 286 -17.19 3.91 -1.42
CA ALA A 286 -17.35 4.86 -2.47
C ALA A 286 -16.11 4.97 -3.37
N ALA A 287 -14.92 4.86 -2.79
CA ALA A 287 -13.67 4.87 -3.59
C ALA A 287 -13.64 3.68 -4.53
N ILE A 288 -14.01 2.54 -4.00
CA ILE A 288 -14.11 1.32 -4.83
C ILE A 288 -15.11 1.51 -5.99
N ASP A 289 -16.30 2.05 -5.69
CA ASP A 289 -17.27 2.32 -6.75
C ASP A 289 -16.69 3.25 -7.83
N PHE A 290 -16.00 4.29 -7.37
CA PHE A 290 -15.37 5.23 -8.27
C PHE A 290 -14.30 4.57 -9.18
N LEU A 291 -13.38 3.84 -8.58
CA LEU A 291 -12.35 3.15 -9.31
C LEU A 291 -12.90 2.12 -10.30
N GLU A 292 -13.95 1.40 -9.89
CA GLU A 292 -14.57 0.42 -10.78
C GLU A 292 -15.24 1.05 -11.98
N GLU A 293 -15.78 2.24 -11.79
CA GLU A 293 -16.45 2.97 -12.86
C GLU A 293 -15.43 3.40 -13.93
N ILE A 294 -14.25 3.83 -13.49
CA ILE A 294 -13.15 4.13 -14.41
C ILE A 294 -12.58 2.86 -15.03
N GLY A 295 -12.43 1.86 -14.20
CA GLY A 295 -11.91 0.54 -14.57
C GLY A 295 -10.47 0.39 -14.16
N LEU A 296 -10.17 -0.61 -13.33
CA LEU A 296 -8.80 -0.81 -12.87
C LEU A 296 -7.90 -1.21 -14.01
N ASP A 297 -8.42 -1.96 -15.00
CA ASP A 297 -7.55 -2.28 -16.15
C ASP A 297 -7.16 -0.99 -16.93
N GLU A 298 -8.12 -0.06 -17.03
CA GLU A 298 -7.89 1.25 -17.63
C GLU A 298 -6.87 2.08 -16.86
N ILE A 299 -6.98 2.03 -15.56
CA ILE A 299 -6.00 2.69 -14.70
C ILE A 299 -4.60 2.08 -14.84
N SER A 300 -4.50 0.75 -14.85
CA SER A 300 -3.21 0.06 -15.05
C SER A 300 -2.61 0.44 -16.40
N ARG A 301 -3.42 0.48 -17.47
CA ARG A 301 -2.86 0.82 -18.78
CA ARG A 301 -2.92 0.83 -18.80
C ARG A 301 -2.33 2.26 -18.83
N HIS A 302 -3.06 3.21 -18.21
CA HIS A 302 -2.62 4.59 -18.10
C HIS A 302 -1.29 4.68 -17.37
N GLU A 303 -1.17 3.96 -16.25
CA GLU A 303 0.07 3.94 -15.49
C GLU A 303 1.22 3.29 -16.20
N HIS A 304 0.93 2.25 -17.01
CA HIS A 304 1.97 1.64 -17.82
C HIS A 304 2.54 2.67 -18.84
N LYS A 305 1.65 3.47 -19.45
CA LYS A 305 2.06 4.49 -20.39
C LYS A 305 2.83 5.60 -19.70
N LEU A 306 2.37 6.04 -18.52
CA LEU A 306 3.10 7.05 -17.77
C LEU A 306 4.51 6.56 -17.31
N ALA A 307 4.60 5.33 -16.84
CA ALA A 307 5.87 4.78 -16.46
C ALA A 307 6.84 4.64 -17.62
N ALA A 308 6.36 4.15 -18.75
CA ALA A 308 7.22 4.04 -19.93
C ALA A 308 7.75 5.40 -20.35
N TYR A 309 6.87 6.40 -20.35
CA TYR A 309 7.25 7.76 -20.71
C TYR A 309 8.25 8.37 -19.74
N ALA A 310 8.00 8.17 -18.45
CA ALA A 310 8.93 8.64 -17.46
C ALA A 310 10.31 8.01 -17.58
N LEU A 311 10.36 6.71 -17.75
CA LEU A 311 11.65 6.06 -17.82
C LEU A 311 12.42 6.56 -19.03
N GLU A 312 11.73 6.76 -20.14
CA GLU A 312 12.41 7.26 -21.34
C GLU A 312 12.96 8.67 -21.08
N ARG A 313 12.13 9.53 -20.48
CA ARG A 313 12.52 10.91 -20.26
C ARG A 313 13.65 11.01 -19.20
N PHE A 314 13.64 10.14 -18.20
CA PHE A 314 14.74 10.11 -17.23
C PHE A 314 16.05 9.69 -17.91
N ARG A 315 15.99 8.77 -18.89
CA ARG A 315 17.19 8.37 -19.60
C ARG A 315 17.75 9.48 -20.47
N GLN A 316 16.96 10.51 -20.76
CA GLN A 316 17.43 11.70 -21.46
C GLN A 316 18.26 12.64 -20.58
N LEU A 317 18.15 12.48 -19.27
CA LEU A 317 18.91 13.30 -18.29
C LEU A 317 20.26 12.67 -17.99
N ASP A 318 21.33 13.42 -18.13
CA ASP A 318 22.62 12.87 -17.67
C ASP A 318 22.71 13.07 -16.14
N GLY A 319 23.45 12.19 -15.50
CA GLY A 319 23.71 12.35 -14.06
C GLY A 319 22.53 12.01 -13.18
N VAL A 320 21.65 11.15 -13.67
CA VAL A 320 20.50 10.68 -12.86
C VAL A 320 20.50 9.17 -12.87
N THR A 321 20.38 8.59 -11.69
CA THR A 321 20.23 7.15 -11.51
C THR A 321 18.80 6.81 -11.16
N VAL A 322 18.21 5.86 -11.88
CA VAL A 322 16.90 5.31 -11.55
C VAL A 322 17.10 3.89 -11.01
N TYR A 323 16.38 3.55 -9.93
CA TYR A 323 16.52 2.23 -9.29
C TYR A 323 15.36 1.32 -9.69
N GLY A 324 15.67 0.05 -9.92
CA GLY A 324 14.65 -0.95 -10.19
C GLY A 324 14.56 -1.34 -11.67
N PRO A 325 13.55 -2.15 -11.98
CA PRO A 325 13.46 -2.77 -13.30
C PRO A 325 12.71 -1.92 -14.33
N GLU A 326 12.85 -2.31 -15.60
CA GLU A 326 12.13 -1.64 -16.67
C GLU A 326 10.60 -1.86 -16.62
N GLU A 327 10.18 -3.10 -16.38
CA GLU A 327 8.76 -3.45 -16.27
C GLU A 327 8.37 -3.13 -14.84
N ARG A 328 7.42 -2.22 -14.67
CA ARG A 328 7.17 -1.65 -13.32
C ARG A 328 5.82 -0.99 -13.19
N ALA A 329 5.45 -0.76 -11.94
CA ALA A 329 4.34 0.08 -11.53
C ALA A 329 4.63 1.59 -11.81
N GLY A 330 3.68 2.46 -11.50
CA GLY A 330 3.73 3.85 -11.86
C GLY A 330 4.48 4.71 -10.86
N LEU A 331 5.75 4.49 -10.79
CA LEU A 331 6.64 5.31 -9.96
C LEU A 331 8.07 5.23 -10.41
N VAL A 332 8.86 6.24 -10.05
CA VAL A 332 10.28 6.27 -10.35
C VAL A 332 10.99 6.80 -9.09
N THR A 333 11.87 5.99 -8.54
CA THR A 333 12.78 6.40 -7.48
C THR A 333 14.15 6.60 -8.07
N PHE A 334 14.79 7.68 -7.67
CA PHE A 334 15.98 8.14 -8.37
C PHE A 334 16.91 8.96 -7.46
N ASN A 335 18.13 9.25 -7.96
CA ASN A 335 19.00 10.23 -7.33
C ASN A 335 19.70 10.99 -8.42
N LEU A 336 19.89 12.28 -8.18
CA LEU A 336 20.79 13.09 -9.01
C LEU A 336 22.20 12.98 -8.49
N ASP A 337 23.16 12.79 -9.38
CA ASP A 337 24.58 12.81 -9.00
C ASP A 337 24.91 14.10 -8.26
N ASP A 338 25.59 13.98 -7.13
CA ASP A 338 26.04 15.16 -6.39
C ASP A 338 24.95 16.11 -5.86
N VAL A 339 23.70 15.66 -5.76
CA VAL A 339 22.67 16.46 -5.12
C VAL A 339 21.92 15.57 -4.15
N HIS A 340 21.84 15.99 -2.88
CA HIS A 340 21.12 15.21 -1.90
C HIS A 340 19.61 15.18 -2.27
N PRO A 341 18.96 14.02 -2.14
CA PRO A 341 17.55 14.00 -2.56
C PRO A 341 16.59 14.94 -1.76
N HIS A 342 16.91 15.22 -0.50
CA HIS A 342 16.12 16.22 0.22
C HIS A 342 16.19 17.60 -0.43
N ASP A 343 17.36 17.98 -0.95
CA ASP A 343 17.49 19.23 -1.69
C ASP A 343 16.72 19.20 -3.02
N VAL A 344 16.70 18.05 -3.69
CA VAL A 344 15.90 17.88 -4.89
C VAL A 344 14.43 18.15 -4.57
N ALA A 345 13.93 17.52 -3.52
CA ALA A 345 12.51 17.70 -3.16
C ALA A 345 12.19 19.15 -2.84
N THR A 346 13.08 19.81 -2.12
CA THR A 346 12.93 21.22 -1.77
C THR A 346 12.86 22.13 -2.95
N VAL A 347 13.80 21.94 -3.89
CA VAL A 347 13.82 22.75 -5.08
C VAL A 347 12.58 22.48 -5.95
N LEU A 348 12.16 21.23 -6.03
CA LEU A 348 10.98 20.92 -6.81
C LEU A 348 9.70 21.53 -6.22
N ASP A 349 9.59 21.51 -4.91
CA ASP A 349 8.41 22.10 -4.27
C ASP A 349 8.32 23.61 -4.53
N ALA A 350 9.47 24.27 -4.66
CA ALA A 350 9.49 25.66 -5.08
C ALA A 350 8.92 25.92 -6.50
N GLU A 351 8.92 24.86 -7.33
CA GLU A 351 8.32 24.88 -8.66
C GLU A 351 6.89 24.30 -8.67
N GLY A 352 6.31 24.05 -7.50
CA GLY A 352 4.98 23.48 -7.39
C GLY A 352 4.89 21.97 -7.39
N ILE A 353 6.03 21.29 -7.49
CA ILE A 353 6.09 19.86 -7.75
C ILE A 353 6.33 19.11 -6.43
N ALA A 354 5.40 18.23 -6.08
CA ALA A 354 5.44 17.46 -4.85
C ALA A 354 5.99 16.04 -5.10
N VAL A 355 7.20 15.78 -4.63
CA VAL A 355 7.80 14.47 -4.63
C VAL A 355 8.27 14.18 -3.19
N ARG A 356 8.74 12.99 -2.94
CA ARG A 356 9.20 12.62 -1.60
C ARG A 356 10.65 12.20 -1.59
N ALA A 357 11.37 12.54 -0.53
CA ALA A 357 12.73 12.08 -0.39
C ALA A 357 12.88 11.42 0.95
N GLY A 358 13.79 10.47 1.03
CA GLY A 358 14.14 9.77 2.24
C GLY A 358 14.34 8.29 1.94
N HIS A 359 14.06 7.46 2.94
CA HIS A 359 14.19 6.02 2.81
C HIS A 359 12.92 5.31 2.46
N HIS A 360 11.80 6.05 2.42
CA HIS A 360 10.49 5.51 2.00
C HIS A 360 10.07 4.29 2.82
N ALA A 362 11.91 1.86 3.88
CA ALA A 362 12.58 0.69 3.38
C ALA A 362 14.09 0.80 3.61
N GLN A 363 14.48 0.95 4.84
CA GLN A 363 15.90 1.12 5.20
C GLN A 363 16.80 -0.05 4.76
N PRO A 364 16.36 -1.33 4.95
CA PRO A 364 17.16 -2.42 4.42
C PRO A 364 17.36 -2.34 2.90
N LEU A 365 16.33 -1.92 2.19
CA LEU A 365 16.47 -1.78 0.73
C LEU A 365 17.47 -0.66 0.38
N MET A 366 17.41 0.46 1.11
CA MET A 366 18.39 1.56 0.87
C MET A 366 19.81 1.04 1.03
N LYS A 367 20.04 0.23 2.06
CA LYS A 367 21.36 -0.34 2.28
C LYS A 367 21.77 -1.27 1.14
N TRP A 368 20.84 -2.09 0.67
CA TRP A 368 21.07 -2.98 -0.49
C TRP A 368 21.43 -2.17 -1.75
N LEU A 369 20.77 -1.02 -1.93
CA LEU A 369 21.06 -0.11 -3.05
C LEU A 369 22.36 0.71 -2.88
N ASP A 370 22.93 0.66 -1.70
CA ASP A 370 24.13 1.39 -1.30
C ASP A 370 23.92 2.91 -1.31
N VAL A 371 22.75 3.36 -0.84
CA VAL A 371 22.42 4.76 -0.66
C VAL A 371 21.85 4.99 0.72
N THR A 372 21.84 6.25 1.17
CA THR A 372 21.14 6.54 2.42
C THR A 372 19.68 6.97 2.19
N ALA A 373 19.43 7.61 1.05
CA ALA A 373 18.12 8.14 0.72
C ALA A 373 18.01 8.26 -0.80
N THR A 374 16.78 8.44 -1.24
CA THR A 374 16.44 8.62 -2.65
C THR A 374 15.28 9.59 -2.76
N ALA A 375 15.02 10.08 -3.97
CA ALA A 375 13.82 10.85 -4.30
C ALA A 375 12.86 9.94 -5.10
N ARG A 376 11.57 10.17 -4.93
CA ARG A 376 10.56 9.36 -5.59
C ARG A 376 9.43 10.24 -6.12
N ALA A 377 9.12 10.04 -7.39
CA ALA A 377 7.96 10.56 -8.04
C ALA A 377 7.02 9.38 -8.34
N SER A 378 5.78 9.51 -7.98
CA SER A 378 4.81 8.42 -8.14
C SER A 378 3.54 9.01 -8.76
N PHE A 379 2.89 8.17 -9.56
CA PHE A 379 1.84 8.58 -10.43
C PHE A 379 0.56 7.83 -10.10
N TYR A 380 -0.53 8.45 -10.44
CA TYR A 380 -1.83 7.81 -10.34
C TYR A 380 -2.74 8.32 -11.47
N LEU A 381 -4.04 8.00 -11.36
CA LEU A 381 -4.99 8.15 -12.45
C LEU A 381 -5.23 9.58 -12.91
N TYR A 382 -4.90 10.55 -12.04
CA TYR A 382 -5.08 11.97 -12.32
C TYR A 382 -3.80 12.64 -12.86
N ASN A 383 -2.71 11.89 -13.03
CA ASN A 383 -1.44 12.44 -13.50
C ASN A 383 -1.32 12.28 -15.01
N THR A 384 -0.51 13.15 -15.59
CA THR A 384 -0.40 13.28 -17.06
C THR A 384 1.04 13.29 -17.50
N GLU A 385 1.24 13.05 -18.80
CA GLU A 385 2.57 13.21 -19.41
C GLU A 385 3.14 14.63 -19.28
N GLU A 386 2.27 15.65 -19.32
CA GLU A 386 2.72 17.03 -19.12
C GLU A 386 3.35 17.23 -17.73
N GLU A 387 2.81 16.54 -16.72
CA GLU A 387 3.40 16.63 -15.41
C GLU A 387 4.77 15.96 -15.34
N ILE A 388 4.95 14.87 -16.08
N ILE A 388 4.93 14.86 -16.06
CA ILE A 388 6.26 14.26 -16.16
CA ILE A 388 6.22 14.23 -16.24
C ILE A 388 7.26 15.19 -16.89
C ILE A 388 7.23 15.18 -16.90
N ASP A 389 6.77 15.88 -17.93
CA ASP A 389 7.62 16.88 -18.64
C ASP A 389 8.09 17.95 -17.64
N LYS A 390 7.15 18.44 -16.82
CA LYS A 390 7.53 19.43 -15.82
C LYS A 390 8.58 18.91 -14.86
N LEU A 391 8.41 17.69 -14.42
CA LEU A 391 9.37 17.03 -13.49
C LEU A 391 10.75 16.97 -14.12
N VAL A 392 10.85 16.44 -15.35
CA VAL A 392 12.19 16.29 -15.92
C VAL A 392 12.86 17.64 -16.24
N GLU A 393 12.07 18.60 -16.67
CA GLU A 393 12.55 20.00 -16.89
C GLU A 393 13.07 20.57 -15.58
N ALA A 394 12.35 20.33 -14.48
CA ALA A 394 12.78 20.82 -13.18
C ALA A 394 14.04 20.14 -12.68
N LEU A 395 14.16 18.84 -12.95
CA LEU A 395 15.37 18.14 -12.60
C LEU A 395 16.59 18.64 -13.38
N GLN A 396 16.40 18.92 -14.68
CA GLN A 396 17.52 19.48 -15.45
C GLN A 396 17.97 20.84 -14.86
N LYS A 397 17.01 21.68 -14.55
CA LYS A 397 17.26 22.99 -13.90
C LYS A 397 17.97 22.84 -12.55
N THR A 398 17.60 21.81 -11.80
CA THR A 398 18.18 21.53 -10.50
C THR A 398 19.64 21.18 -10.68
N LYS A 399 19.95 20.31 -11.65
CA LYS A 399 21.36 19.95 -11.93
C LYS A 399 22.19 21.17 -12.26
N GLU A 400 21.65 22.01 -13.14
CA GLU A 400 22.34 23.23 -13.58
C GLU A 400 22.55 24.20 -12.40
N TYR A 401 21.51 24.37 -11.58
CA TYR A 401 21.59 25.22 -10.38
C TYR A 401 22.73 24.76 -9.43
N PHE A 402 22.77 23.47 -9.11
CA PHE A 402 23.78 22.99 -8.16
C PHE A 402 25.16 22.98 -8.75
N THR A 403 25.26 22.76 -10.06
CA THR A 403 26.55 22.86 -10.74
C THR A 403 27.09 24.29 -10.63
N ASN A 404 26.25 25.27 -10.93
CA ASN A 404 26.64 26.68 -10.81
C ASN A 404 27.02 27.06 -9.37
N VAL A 405 26.28 26.57 -8.39
CA VAL A 405 26.61 26.85 -7.00
C VAL A 405 28.00 26.27 -6.65
N PHE A 406 28.25 25.04 -7.08
CA PHE A 406 29.52 24.39 -6.83
C PHE A 406 30.65 25.21 -7.48
N SER A 407 30.48 25.61 -8.74
CA SER A 407 31.56 26.37 -9.42
C SER A 407 31.76 27.75 -8.77
N GLY A 408 30.67 28.47 -8.48
CA GLY A 408 30.73 29.76 -7.74
C GLY A 408 31.53 29.58 -6.45
N HIS A 409 31.23 28.53 -5.72
CA HIS A 409 31.87 28.28 -4.41
C HIS A 409 33.36 27.96 -4.55
N HIS A 410 33.69 27.13 -5.53
CA HIS A 410 35.10 26.73 -5.74
C HIS A 410 35.94 27.93 -6.19
N HIS A 411 35.36 28.78 -7.05
CA HIS A 411 36.04 30.00 -7.52
C HIS A 411 36.30 30.96 -6.35
N HIS A 412 35.31 31.15 -5.47
CA HIS A 412 35.49 31.90 -4.20
C HIS A 412 36.38 30.96 -3.34
N HIS A 413 36.96 31.35 -2.24
CA HIS A 413 37.66 30.29 -1.42
C HIS A 413 39.00 29.79 -2.03
#